data_2F9U
#
_entry.id   2F9U
#
_cell.length_a   225.040
_cell.length_b   225.040
_cell.length_c   75.440
_cell.angle_alpha   90.00
_cell.angle_beta   90.00
_cell.angle_gamma   120.00
#
_symmetry.space_group_name_H-M   'H 3 2'
#
loop_
_entity.id
_entity.type
_entity.pdbx_description
1 polymer "NS3 protease/helicase'"
2 polymer polyprotein
3 non-polymer 'ZINC ION'
4 non-polymer '1,1-DIMETHYLETHYL [1-CYCLOHEXYL-2-[3-[[[1-[2-[[2-[[2-(DIMETHYLAMINO)-2-OXO-1-PHENYLETHYL]AMINO]-2-OXOETHYL]AMINO]-1,2-DIOXOETHYL]PENTYL]AMINO]CARBONYL]-2-AZABICYCLO[2.2.1]HEPTAN-2-YL]-2-OXOETHYL]CARBAMATE'
5 water water
#
loop_
_entity_poly.entity_id
_entity_poly.type
_entity_poly.pdbx_seq_one_letter_code
_entity_poly.pdbx_strand_id
1 'polypeptide(L)'
;ASMTGGQQMGAPITAYAQQTRGLLGCIITSLTGRDKNQVEGEVQIVSTATQTFLATCINGVCWTVYHGAGTRTIASPKGP
VIQMYTNVDQDLVGWPAPQGSRSLTPCTCGSSDLYLVTRHADVIPVRRRGDSRGSLLSPRPISYLKGSSGGPLLCPAGHA
VGLFRAAVCTRGVAKAVDFIPVENLETTMRSGSHHHHHH
;
A,C
2 'polypeptide(L)' KKGSVVIVGRIVLSGKPAIIPKK B,D
#
# COMPACT_ATOMS: atom_id res chain seq x y z
N ALA A 11 -9.39 2.21 -5.29
CA ALA A 11 -9.08 1.05 -4.46
C ALA A 11 -8.70 -0.08 -5.42
N PRO A 12 -7.89 -1.07 -4.95
CA PRO A 12 -7.32 -1.19 -3.61
C PRO A 12 -6.21 -0.18 -3.37
N ILE A 13 -6.09 0.23 -2.11
CA ILE A 13 -5.08 1.21 -1.70
C ILE A 13 -3.68 0.60 -1.72
N THR A 14 -2.83 1.14 -2.57
CA THR A 14 -1.46 0.68 -2.66
C THR A 14 -0.61 1.93 -2.49
N ALA A 15 0.56 1.78 -1.88
CA ALA A 15 1.45 2.91 -1.68
C ALA A 15 2.89 2.46 -1.88
N TYR A 16 3.78 3.41 -2.14
CA TYR A 16 5.19 3.11 -2.27
C TYR A 16 5.98 4.30 -1.75
N ALA A 17 7.20 4.03 -1.28
CA ALA A 17 8.05 5.07 -0.72
C ALA A 17 9.30 5.31 -1.54
N GLN A 18 9.77 6.55 -1.50
CA GLN A 18 10.97 6.97 -2.21
C GLN A 18 11.69 7.97 -1.33
N GLN A 19 12.93 7.67 -1.00
CA GLN A 19 13.73 8.56 -0.19
C GLN A 19 14.32 9.61 -1.10
N THR A 20 14.47 10.82 -0.59
CA THR A 20 15.00 11.92 -1.38
C THR A 20 16.15 12.70 -0.74
N ARG A 21 16.52 12.37 0.50
CA ARG A 21 17.60 13.07 1.16
C ARG A 21 18.20 12.22 2.28
N GLY A 22 19.48 12.43 2.55
CA GLY A 22 20.17 11.70 3.60
C GLY A 22 20.48 12.67 4.73
N LEU A 23 21.18 12.22 5.77
CA LEU A 23 21.50 13.07 6.91
C LEU A 23 22.08 14.44 6.60
N LEU A 24 23.19 14.47 5.86
CA LEU A 24 23.84 15.74 5.55
C LEU A 24 23.03 16.70 4.69
N GLY A 25 22.30 16.18 3.71
CA GLY A 25 21.50 17.04 2.86
C GLY A 25 20.35 17.61 3.66
N CYS A 26 19.79 16.78 4.53
CA CYS A 26 18.67 17.19 5.37
C CYS A 26 19.13 18.33 6.29
N ILE A 27 20.21 18.08 7.04
CA ILE A 27 20.76 19.08 7.95
C ILE A 27 21.02 20.42 7.25
N ILE A 28 21.78 20.41 6.17
CA ILE A 28 22.07 21.64 5.44
C ILE A 28 20.75 22.33 5.10
N THR A 29 19.83 21.55 4.55
CA THR A 29 18.51 22.06 4.14
C THR A 29 17.67 22.57 5.33
N SER A 30 17.81 21.92 6.48
CA SER A 30 17.09 22.32 7.69
C SER A 30 17.50 23.72 8.13
N LEU A 31 18.78 24.03 7.99
CA LEU A 31 19.30 25.33 8.38
C LEU A 31 19.01 26.38 7.31
N THR A 32 19.53 26.15 6.11
CA THR A 32 19.35 27.04 4.99
C THR A 32 17.86 27.27 4.73
N GLY A 33 17.05 26.28 5.08
CA GLY A 33 15.62 26.34 4.89
C GLY A 33 15.22 26.43 3.43
N ARG A 34 16.14 26.07 2.53
CA ARG A 34 15.85 26.11 1.10
C ARG A 34 15.99 24.74 0.45
N ASP A 35 14.86 24.17 0.08
CA ASP A 35 14.82 22.86 -0.54
C ASP A 35 14.46 23.00 -1.99
N LYS A 36 15.36 22.62 -2.87
CA LYS A 36 15.09 22.75 -4.28
C LYS A 36 14.70 21.42 -4.95
N ASN A 37 14.56 20.34 -4.18
CA ASN A 37 14.16 19.05 -4.75
C ASN A 37 12.73 19.12 -5.26
N GLN A 38 12.36 18.17 -6.11
CA GLN A 38 11.01 18.12 -6.67
C GLN A 38 10.09 17.33 -5.75
N VAL A 39 8.83 17.74 -5.65
CA VAL A 39 7.87 17.04 -4.80
C VAL A 39 6.83 16.27 -5.60
N GLU A 40 6.42 15.13 -5.06
CA GLU A 40 5.45 14.24 -5.67
C GLU A 40 4.78 13.50 -4.55
N GLY A 41 3.53 13.08 -4.77
CA GLY A 41 2.83 12.31 -3.75
C GLY A 41 1.92 13.09 -2.84
N GLU A 42 1.14 12.38 -2.03
CA GLU A 42 0.21 13.03 -1.11
C GLU A 42 0.66 12.98 0.33
N VAL A 43 1.71 12.20 0.59
CA VAL A 43 2.27 12.08 1.93
C VAL A 43 3.78 12.29 1.84
N GLN A 44 4.31 13.22 2.62
CA GLN A 44 5.73 13.54 2.61
C GLN A 44 6.44 13.04 3.85
N ILE A 45 7.54 12.31 3.68
CA ILE A 45 8.30 11.83 4.83
C ILE A 45 9.07 13.08 5.25
N VAL A 46 8.70 13.60 6.41
CA VAL A 46 9.24 14.82 6.95
C VAL A 46 10.21 14.58 8.11
N SER A 47 11.13 15.51 8.31
CA SER A 47 12.10 15.34 9.37
C SER A 47 12.64 16.66 9.91
N THR A 48 12.94 16.66 11.20
CA THR A 48 13.50 17.81 11.87
C THR A 48 14.86 17.32 12.29
N ALA A 49 15.60 18.11 13.05
CA ALA A 49 16.94 17.72 13.48
C ALA A 49 16.90 16.65 14.56
N THR A 50 15.71 16.42 15.12
CA THR A 50 15.56 15.46 16.21
C THR A 50 14.74 14.21 15.91
N GLN A 51 13.63 14.38 15.19
CA GLN A 51 12.75 13.26 14.89
C GLN A 51 12.23 13.31 13.46
N THR A 52 11.79 12.15 12.96
CA THR A 52 11.24 12.06 11.61
C THR A 52 9.84 11.44 11.67
N PHE A 53 8.93 12.01 10.88
CA PHE A 53 7.55 11.59 10.86
C PHE A 53 6.97 11.88 9.46
N LEU A 54 5.65 11.99 9.37
CA LEU A 54 4.99 12.26 8.08
C LEU A 54 4.12 13.51 8.11
N ALA A 55 3.76 13.97 6.91
CA ALA A 55 2.92 15.13 6.74
C ALA A 55 2.00 14.75 5.59
N THR A 56 0.69 14.80 5.80
CA THR A 56 -0.27 14.44 4.77
C THR A 56 -0.86 15.70 4.13
N CYS A 57 -0.95 15.70 2.80
CA CYS A 57 -1.52 16.82 2.06
C CYS A 57 -3.01 16.56 1.85
N ILE A 58 -3.87 17.37 2.48
CA ILE A 58 -5.30 17.20 2.33
C ILE A 58 -5.83 18.55 1.89
N ASN A 59 -6.53 18.57 0.77
CA ASN A 59 -7.10 19.81 0.23
C ASN A 59 -6.14 21.00 0.13
N GLY A 60 -5.07 20.86 -0.64
CA GLY A 60 -4.13 21.96 -0.80
C GLY A 60 -3.27 22.39 0.38
N VAL A 61 -3.36 21.69 1.51
CA VAL A 61 -2.59 22.04 2.69
C VAL A 61 -1.84 20.81 3.20
N CYS A 62 -0.57 20.97 3.52
CA CYS A 62 0.25 19.89 4.02
C CYS A 62 0.17 19.89 5.56
N TRP A 63 -0.69 19.03 6.12
CA TRP A 63 -0.89 18.94 7.58
C TRP A 63 0.03 17.93 8.23
N THR A 64 0.34 18.15 9.50
CA THR A 64 1.16 17.21 10.25
C THR A 64 0.86 17.35 11.73
N VAL A 65 1.45 16.47 12.50
CA VAL A 65 1.27 16.44 13.94
C VAL A 65 2.15 17.54 14.60
N TYR A 66 1.53 18.42 15.38
CA TYR A 66 2.24 19.50 16.07
C TYR A 66 3.32 18.97 16.99
N HIS A 67 3.13 17.75 17.49
CA HIS A 67 4.09 17.10 18.39
C HIS A 67 5.46 16.91 17.70
N GLY A 68 5.45 16.84 16.38
CA GLY A 68 6.69 16.66 15.66
C GLY A 68 7.20 17.91 15.00
N ALA A 69 6.31 18.65 14.36
CA ALA A 69 6.69 19.87 13.66
C ALA A 69 6.81 21.06 14.56
N GLY A 70 6.15 20.98 15.70
CA GLY A 70 6.16 22.09 16.63
C GLY A 70 5.63 23.31 15.89
N THR A 71 6.41 24.37 15.93
CA THR A 71 5.98 25.58 15.28
C THR A 71 6.97 25.97 14.16
N ARG A 72 7.82 25.01 13.79
CA ARG A 72 8.83 25.21 12.76
C ARG A 72 8.26 25.59 11.41
N THR A 73 9.14 26.05 10.53
CA THR A 73 8.75 26.41 9.18
C THR A 73 9.11 25.21 8.31
N ILE A 74 8.59 25.17 7.09
CA ILE A 74 8.93 24.07 6.21
C ILE A 74 9.88 24.62 5.17
N ALA A 75 10.97 23.89 4.95
CA ALA A 75 11.98 24.27 3.97
C ALA A 75 11.39 24.07 2.58
N SER A 76 11.54 25.06 1.71
CA SER A 76 11.00 24.96 0.37
C SER A 76 11.93 25.59 -0.65
N PRO A 77 11.59 25.50 -1.94
CA PRO A 77 12.47 26.10 -2.95
C PRO A 77 12.65 27.60 -2.84
N LYS A 78 11.67 28.27 -2.23
CA LYS A 78 11.69 29.72 -2.04
C LYS A 78 12.03 30.05 -0.58
N GLY A 79 12.80 29.17 0.06
CA GLY A 79 13.16 29.38 1.46
C GLY A 79 12.16 28.78 2.43
N PRO A 80 12.18 29.19 3.70
CA PRO A 80 11.24 28.64 4.69
C PRO A 80 9.85 29.19 4.50
N VAL A 81 8.86 28.33 4.72
CA VAL A 81 7.48 28.73 4.61
C VAL A 81 6.86 28.62 5.99
N ILE A 82 6.23 29.70 6.42
CA ILE A 82 5.58 29.78 7.73
C ILE A 82 4.32 28.95 7.70
N GLN A 83 3.91 28.47 8.86
CA GLN A 83 2.71 27.66 8.96
C GLN A 83 1.47 28.49 8.71
N MET A 84 0.49 27.88 8.08
CA MET A 84 -0.77 28.53 7.83
C MET A 84 -1.60 28.39 9.09
N TYR A 85 -1.61 27.19 9.64
CA TYR A 85 -2.38 26.88 10.83
C TYR A 85 -1.53 26.24 11.90
N THR A 86 -1.90 26.50 13.15
CA THR A 86 -1.22 25.93 14.31
C THR A 86 -2.28 25.79 15.39
N ASN A 87 -2.50 24.56 15.85
CA ASN A 87 -3.51 24.29 16.87
C ASN A 87 -2.94 23.31 17.88
N VAL A 88 -2.22 23.86 18.84
CA VAL A 88 -1.57 23.06 19.88
C VAL A 88 -2.50 22.06 20.56
N ASP A 89 -3.71 22.51 20.86
CA ASP A 89 -4.69 21.66 21.53
C ASP A 89 -5.09 20.48 20.68
N GLN A 90 -5.35 20.74 19.40
CA GLN A 90 -5.75 19.67 18.49
C GLN A 90 -4.55 18.91 17.94
N ASP A 91 -3.36 19.40 18.29
CA ASP A 91 -2.07 18.82 17.91
C ASP A 91 -1.85 18.90 16.39
N LEU A 92 -2.29 19.99 15.77
CA LEU A 92 -2.15 20.15 14.33
C LEU A 92 -1.33 21.36 13.91
N VAL A 93 -0.74 21.28 12.72
CA VAL A 93 0.01 22.38 12.11
C VAL A 93 -0.12 22.09 10.63
N GLY A 94 -0.15 23.13 9.82
CA GLY A 94 -0.27 22.95 8.38
C GLY A 94 0.38 24.08 7.63
N TRP A 95 0.99 23.78 6.49
CA TRP A 95 1.67 24.76 5.63
C TRP A 95 0.98 24.62 4.28
N PRO A 96 1.11 25.60 3.37
CA PRO A 96 0.44 25.36 2.09
C PRO A 96 1.14 24.13 1.53
N ALA A 97 0.41 23.24 0.87
CA ALA A 97 1.05 22.03 0.33
C ALA A 97 2.14 22.40 -0.66
N PRO A 98 3.30 21.72 -0.57
CA PRO A 98 4.44 21.97 -1.47
C PRO A 98 4.03 21.90 -2.93
N GLN A 99 4.73 22.64 -3.78
CA GLN A 99 4.42 22.60 -5.21
C GLN A 99 4.85 21.24 -5.75
N GLY A 100 3.89 20.49 -6.28
CA GLY A 100 4.17 19.18 -6.84
C GLY A 100 3.46 18.05 -6.12
N SER A 101 3.02 18.30 -4.89
CA SER A 101 2.32 17.29 -4.12
C SER A 101 0.91 17.12 -4.69
N ARG A 102 0.23 16.04 -4.30
CA ARG A 102 -1.14 15.76 -4.74
C ARG A 102 -1.94 15.66 -3.47
N SER A 103 -3.07 16.33 -3.40
CA SER A 103 -3.85 16.28 -2.18
C SER A 103 -4.92 15.22 -2.12
N LEU A 104 -5.17 14.71 -0.91
CA LEU A 104 -6.25 13.76 -0.69
C LEU A 104 -7.45 14.66 -0.38
N THR A 105 -8.64 14.07 -0.28
CA THR A 105 -9.84 14.81 0.06
C THR A 105 -10.50 14.09 1.23
N PRO A 106 -11.15 14.82 2.15
CA PRO A 106 -11.80 14.23 3.32
C PRO A 106 -12.84 13.18 2.93
N CYS A 107 -13.08 12.23 3.84
CA CYS A 107 -14.04 11.16 3.59
C CYS A 107 -15.48 11.58 3.74
N THR A 108 -16.25 11.37 2.67
CA THR A 108 -17.67 11.70 2.65
C THR A 108 -18.47 10.41 2.44
N CYS A 109 -18.43 9.52 3.44
CA CYS A 109 -19.14 8.25 3.35
C CYS A 109 -19.25 7.62 4.73
N GLY A 110 -18.58 8.21 5.70
CA GLY A 110 -18.61 7.69 7.06
C GLY A 110 -18.31 6.20 7.20
N SER A 111 -17.32 5.71 6.46
CA SER A 111 -16.93 4.30 6.53
C SER A 111 -16.29 4.03 7.89
N SER A 112 -16.58 2.87 8.43
CA SER A 112 -16.07 2.47 9.73
C SER A 112 -14.81 1.64 9.59
N ASP A 113 -14.46 1.30 8.36
CA ASP A 113 -13.25 0.53 8.11
C ASP A 113 -12.20 1.48 7.56
N LEU A 114 -11.14 1.69 8.35
CA LEU A 114 -10.06 2.60 7.97
C LEU A 114 -8.75 1.87 7.71
N TYR A 115 -7.92 2.43 6.83
CA TYR A 115 -6.62 1.86 6.49
C TYR A 115 -5.55 2.88 6.81
N LEU A 116 -4.63 2.52 7.69
CA LEU A 116 -3.54 3.41 8.07
C LEU A 116 -2.30 3.18 7.17
N VAL A 117 -1.80 4.26 6.57
CA VAL A 117 -0.62 4.18 5.71
C VAL A 117 0.61 4.57 6.55
N THR A 118 1.57 3.64 6.69
CA THR A 118 2.78 3.87 7.47
C THR A 118 3.91 4.38 6.58
N ARG A 119 4.97 4.89 7.20
CA ARG A 119 6.14 5.45 6.50
C ARG A 119 6.91 4.48 5.64
N HIS A 120 6.59 3.20 5.76
CA HIS A 120 7.23 2.18 4.95
C HIS A 120 6.31 1.85 3.81
N ALA A 121 5.29 2.70 3.64
CA ALA A 121 4.30 2.55 2.60
C ALA A 121 3.44 1.30 2.76
N ASP A 122 3.10 1.00 4.01
CA ASP A 122 2.26 -0.15 4.29
C ASP A 122 0.90 0.38 4.65
N VAL A 123 -0.16 -0.33 4.28
CA VAL A 123 -1.48 0.11 4.64
C VAL A 123 -2.05 -1.00 5.48
N ILE A 124 -2.21 -0.72 6.77
CA ILE A 124 -2.73 -1.69 7.72
C ILE A 124 -4.15 -1.32 8.15
N PRO A 125 -5.07 -2.30 8.13
CA PRO A 125 -6.47 -2.09 8.49
C PRO A 125 -6.68 -1.80 9.96
N VAL A 126 -7.62 -0.91 10.23
CA VAL A 126 -7.98 -0.53 11.59
C VAL A 126 -9.50 -0.30 11.58
N ARG A 127 -10.18 -0.78 12.62
CA ARG A 127 -11.63 -0.61 12.74
C ARG A 127 -11.93 0.60 13.64
N ARG A 128 -12.59 1.61 13.06
CA ARG A 128 -12.94 2.83 13.79
C ARG A 128 -13.73 2.48 15.04
N ARG A 129 -13.08 2.65 16.19
CA ARG A 129 -13.68 2.37 17.48
C ARG A 129 -14.34 3.60 18.08
N GLY A 130 -14.30 4.73 17.36
CA GLY A 130 -14.95 5.91 17.89
C GLY A 130 -14.37 7.29 17.69
N ASP A 131 -14.67 7.87 16.54
CA ASP A 131 -14.25 9.23 16.22
C ASP A 131 -12.76 9.50 16.08
N SER A 132 -11.98 9.16 17.09
CA SER A 132 -10.55 9.38 17.01
C SER A 132 -9.75 8.17 17.47
N ARG A 133 -10.37 6.99 17.40
CA ARG A 133 -9.73 5.74 17.82
C ARG A 133 -10.20 4.62 16.89
N GLY A 134 -9.36 3.60 16.74
CA GLY A 134 -9.68 2.47 15.90
C GLY A 134 -8.77 1.33 16.33
N SER A 135 -9.25 0.10 16.24
CA SER A 135 -8.45 -1.05 16.63
C SER A 135 -7.70 -1.66 15.45
N LEU A 136 -6.45 -2.06 15.68
CA LEU A 136 -5.67 -2.69 14.65
C LEU A 136 -6.18 -4.12 14.57
N LEU A 137 -6.51 -4.56 13.36
CA LEU A 137 -7.01 -5.91 13.17
C LEU A 137 -5.90 -6.92 13.40
N SER A 138 -4.66 -6.46 13.21
CA SER A 138 -3.48 -7.27 13.40
C SER A 138 -2.47 -6.39 14.13
N PRO A 139 -2.29 -6.63 15.44
CA PRO A 139 -1.37 -5.89 16.32
C PRO A 139 0.05 -5.84 15.76
N ARG A 140 0.73 -4.73 15.99
CA ARG A 140 2.09 -4.55 15.51
C ARG A 140 2.91 -3.93 16.63
N PRO A 141 4.24 -4.09 16.59
CA PRO A 141 5.12 -3.52 17.62
C PRO A 141 5.05 -1.99 17.51
N ILE A 142 5.24 -1.29 18.62
CA ILE A 142 5.19 0.16 18.59
C ILE A 142 6.27 0.70 17.64
N SER A 143 7.37 -0.03 17.54
CA SER A 143 8.49 0.36 16.67
C SER A 143 8.07 0.45 15.22
N TYR A 144 7.05 -0.34 14.88
CA TYR A 144 6.54 -0.36 13.53
C TYR A 144 5.82 0.94 13.19
N LEU A 145 5.11 1.49 14.18
CA LEU A 145 4.38 2.74 13.98
C LEU A 145 5.26 3.98 14.14
N LYS A 146 6.36 3.86 14.86
CA LYS A 146 7.28 4.98 15.05
C LYS A 146 7.66 5.61 13.71
N GLY A 147 7.54 6.93 13.63
CA GLY A 147 7.89 7.62 12.40
C GLY A 147 6.68 7.83 11.52
N SER A 148 5.58 7.16 11.84
CA SER A 148 4.35 7.28 11.06
C SER A 148 3.36 8.36 11.51
N SER A 149 3.71 9.15 12.50
CA SER A 149 2.82 10.21 12.98
C SER A 149 2.56 11.22 11.88
N GLY A 150 1.32 11.65 11.75
CA GLY A 150 0.98 12.61 10.72
C GLY A 150 0.66 11.89 9.42
N GLY A 151 0.66 10.57 9.47
CA GLY A 151 0.34 9.78 8.29
C GLY A 151 -1.17 9.71 8.11
N PRO A 152 -1.65 9.41 6.91
CA PRO A 152 -3.10 9.35 6.70
C PRO A 152 -3.83 8.08 7.16
N LEU A 153 -5.08 8.27 7.53
CA LEU A 153 -5.95 7.16 7.92
C LEU A 153 -7.02 7.26 6.87
N LEU A 154 -6.91 6.39 5.88
CA LEU A 154 -7.81 6.35 4.73
C LEU A 154 -9.06 5.48 4.88
N CYS A 155 -10.04 5.73 4.03
CA CYS A 155 -11.27 4.94 4.00
C CYS A 155 -11.15 4.09 2.74
N PRO A 156 -12.01 3.08 2.57
CA PRO A 156 -11.96 2.20 1.39
C PRO A 156 -11.77 2.86 0.02
N ALA A 157 -12.16 4.13 -0.10
CA ALA A 157 -12.04 4.88 -1.36
C ALA A 157 -10.80 5.78 -1.48
N GLY A 158 -9.94 5.77 -0.46
CA GLY A 158 -8.73 6.57 -0.47
C GLY A 158 -8.95 8.00 -0.04
N HIS A 159 -9.87 8.20 0.89
CA HIS A 159 -10.17 9.53 1.38
C HIS A 159 -9.78 9.69 2.82
N ALA A 160 -9.24 10.87 3.13
CA ALA A 160 -8.76 11.17 4.46
C ALA A 160 -9.84 11.14 5.54
N VAL A 161 -9.62 10.28 6.52
CA VAL A 161 -10.52 10.13 7.66
C VAL A 161 -9.82 10.80 8.84
N GLY A 162 -8.53 10.55 8.96
CA GLY A 162 -7.77 11.12 10.04
C GLY A 162 -6.29 11.14 9.75
N LEU A 163 -5.52 11.58 10.74
CA LEU A 163 -4.06 11.66 10.70
C LEU A 163 -3.60 10.91 11.94
N PHE A 164 -2.72 9.93 11.77
CA PHE A 164 -2.24 9.13 12.90
C PHE A 164 -1.56 10.00 13.97
N ARG A 165 -2.00 9.88 15.22
CA ARG A 165 -1.42 10.69 16.29
C ARG A 165 -0.64 9.96 17.36
N ALA A 166 -1.20 8.90 17.92
CA ALA A 166 -0.51 8.16 18.96
C ALA A 166 -0.93 6.73 18.96
N ALA A 167 -0.10 5.88 19.52
CA ALA A 167 -0.40 4.47 19.56
C ALA A 167 -0.97 4.09 20.92
N VAL A 168 -1.98 3.22 20.88
CA VAL A 168 -2.62 2.70 22.08
C VAL A 168 -1.96 1.33 22.22
N CYS A 169 -0.93 1.26 23.07
CA CYS A 169 -0.19 0.03 23.23
C CYS A 169 0.08 -0.42 24.66
N THR A 170 0.53 -1.67 24.79
CA THR A 170 0.87 -2.23 26.08
C THR A 170 1.87 -3.35 25.85
N ARG A 171 2.87 -3.43 26.73
CA ARG A 171 3.93 -4.44 26.63
C ARG A 171 4.78 -4.19 25.39
N GLY A 172 4.58 -3.02 24.79
CA GLY A 172 5.33 -2.67 23.60
C GLY A 172 4.64 -3.09 22.32
N VAL A 173 3.39 -3.55 22.44
CA VAL A 173 2.62 -3.97 21.27
C VAL A 173 1.42 -3.07 21.15
N ALA A 174 1.21 -2.54 19.95
CA ALA A 174 0.09 -1.64 19.68
C ALA A 174 -1.16 -2.37 19.27
N LYS A 175 -2.23 -2.17 20.03
CA LYS A 175 -3.50 -2.79 19.73
C LYS A 175 -4.38 -1.79 18.99
N ALA A 176 -4.26 -0.50 19.32
CA ALA A 176 -5.07 0.52 18.67
C ALA A 176 -4.28 1.78 18.36
N VAL A 177 -4.95 2.75 17.76
CA VAL A 177 -4.31 4.01 17.39
C VAL A 177 -5.26 5.20 17.57
N ASP A 178 -4.71 6.31 18.07
CA ASP A 178 -5.50 7.53 18.25
C ASP A 178 -5.12 8.39 17.09
N PHE A 179 -6.11 9.07 16.52
CA PHE A 179 -5.86 9.92 15.39
C PHE A 179 -6.65 11.21 15.44
N ILE A 180 -6.22 12.17 14.64
CA ILE A 180 -6.84 13.47 14.52
C ILE A 180 -7.89 13.41 13.40
N PRO A 181 -9.18 13.32 13.75
CA PRO A 181 -10.27 13.26 12.78
C PRO A 181 -10.16 14.43 11.82
N VAL A 182 -10.36 14.19 10.54
CA VAL A 182 -10.28 15.24 9.52
C VAL A 182 -11.14 16.46 9.86
N GLU A 183 -12.18 16.26 10.66
CA GLU A 183 -13.06 17.35 11.05
C GLU A 183 -12.33 18.41 11.88
N ASN A 184 -11.36 17.96 12.67
CA ASN A 184 -10.60 18.89 13.48
C ASN A 184 -9.77 19.79 12.56
N LEU A 185 -9.50 19.29 11.36
CA LEU A 185 -8.74 20.06 10.36
C LEU A 185 -9.60 21.21 9.94
N GLU A 186 -10.78 20.89 9.41
CA GLU A 186 -11.71 21.92 8.97
C GLU A 186 -11.96 22.89 10.13
N THR A 187 -11.96 22.36 11.35
CA THR A 187 -12.13 23.21 12.53
C THR A 187 -10.94 24.14 12.70
N THR A 188 -9.73 23.59 12.79
CA THR A 188 -8.52 24.38 12.97
C THR A 188 -8.42 25.53 11.99
N MET A 189 -8.81 25.27 10.74
CA MET A 189 -8.79 26.28 9.70
C MET A 189 -9.76 27.37 10.05
N ARG A 190 -10.98 26.98 10.41
CA ARG A 190 -12.02 27.93 10.78
C ARG A 190 -11.65 28.62 12.10
N SER A 191 -10.84 27.93 12.88
CA SER A 191 -10.37 28.43 14.17
C SER A 191 -9.39 29.56 13.89
N GLY A 192 -9.34 30.54 14.78
CA GLY A 192 -8.41 31.65 14.59
C GLY A 192 -7.00 31.25 14.95
N SER A 193 -6.54 30.14 14.38
CA SER A 193 -5.20 29.61 14.64
C SER A 193 -4.61 28.96 13.38
N LYS B 1 18.05 28.77 17.29
CA LYS B 1 16.78 28.93 16.52
C LYS B 1 16.39 27.55 16.03
N LYS B 2 15.08 27.33 15.87
CA LYS B 2 14.59 26.04 15.41
C LYS B 2 14.68 25.94 13.90
N GLY B 3 15.26 24.84 13.43
CA GLY B 3 15.42 24.63 12.00
C GLY B 3 14.11 24.26 11.33
N SER B 4 14.08 24.35 10.01
CA SER B 4 12.89 24.04 9.23
C SER B 4 12.67 22.53 9.16
N VAL B 5 11.41 22.14 9.08
CA VAL B 5 11.04 20.74 8.93
C VAL B 5 11.38 20.49 7.47
N VAL B 6 12.17 19.45 7.20
CA VAL B 6 12.59 19.13 5.85
C VAL B 6 11.98 17.86 5.28
N ILE B 7 11.58 17.94 4.02
CA ILE B 7 11.04 16.77 3.32
C ILE B 7 12.23 15.88 2.88
N VAL B 8 12.30 14.67 3.40
CA VAL B 8 13.37 13.73 3.04
C VAL B 8 12.84 12.50 2.30
N GLY B 9 11.62 12.59 1.79
CA GLY B 9 11.05 11.44 1.10
C GLY B 9 9.57 11.63 0.87
N ARG B 10 8.92 10.60 0.34
CA ARG B 10 7.50 10.66 0.04
C ARG B 10 6.89 9.27 -0.04
N ILE B 11 5.57 9.23 0.02
CA ILE B 11 4.78 7.99 -0.07
C ILE B 11 3.73 8.32 -1.11
N VAL B 12 3.67 7.53 -2.18
CA VAL B 12 2.72 7.79 -3.25
C VAL B 12 1.61 6.78 -3.30
N LEU B 13 0.40 7.28 -3.10
CA LEU B 13 -0.83 6.49 -3.09
C LEU B 13 -1.47 6.35 -4.46
N SER B 14 -1.22 7.32 -5.33
CA SER B 14 -1.76 7.38 -6.68
C SER B 14 -1.28 6.31 -7.66
N GLY B 15 -0.32 5.50 -7.27
CA GLY B 15 0.18 4.48 -8.18
C GLY B 15 -0.78 3.34 -8.36
N LYS B 16 -0.82 2.80 -9.57
CA LYS B 16 -1.69 1.68 -9.93
C LYS B 16 -0.79 0.52 -10.36
N PRO B 17 -1.26 -0.72 -10.22
CA PRO B 17 -0.43 -1.87 -10.62
C PRO B 17 0.12 -1.62 -12.00
N ALA B 18 1.37 -2.02 -12.22
CA ALA B 18 1.98 -1.81 -13.52
C ALA B 18 3.02 -2.88 -13.76
N ILE B 19 3.23 -3.22 -15.03
CA ILE B 19 4.23 -4.21 -15.42
C ILE B 19 5.55 -3.48 -15.38
N ILE B 20 6.46 -3.94 -14.51
CA ILE B 20 7.75 -3.32 -14.38
C ILE B 20 8.46 -3.38 -15.73
N PRO B 21 8.83 -2.22 -16.27
CA PRO B 21 9.52 -2.15 -17.56
C PRO B 21 10.82 -2.93 -17.53
N LYS B 22 11.26 -3.37 -18.69
CA LYS B 22 12.49 -4.14 -18.79
C LYS B 22 13.64 -3.26 -19.25
N LYS B 23 14.80 -3.49 -18.62
CA LYS B 23 16.08 -2.80 -18.87
C LYS B 23 16.30 -1.65 -17.87
N GLN C 38 16.39 -2.56 -7.55
CA GLN C 38 15.41 -1.69 -8.24
C GLN C 38 14.04 -2.04 -7.67
N VAL C 39 12.97 -1.66 -8.37
CA VAL C 39 11.61 -1.96 -7.91
C VAL C 39 11.43 -3.47 -7.95
N GLU C 40 10.58 -3.98 -7.07
CA GLU C 40 10.32 -5.41 -7.01
C GLU C 40 8.84 -5.66 -7.24
N GLY C 41 8.52 -6.79 -7.86
CA GLY C 41 7.13 -7.10 -8.11
C GLY C 41 6.64 -8.23 -7.22
N GLU C 42 5.35 -8.17 -6.85
CA GLU C 42 4.75 -9.22 -6.01
C GLU C 42 4.11 -10.27 -6.94
N VAL C 43 3.86 -9.88 -8.18
CA VAL C 43 3.23 -10.74 -9.18
C VAL C 43 4.17 -11.00 -10.36
N GLN C 44 4.52 -12.27 -10.56
CA GLN C 44 5.38 -12.67 -11.68
C GLN C 44 4.52 -13.21 -12.80
N ILE C 45 4.86 -12.88 -14.04
CA ILE C 45 4.13 -13.37 -15.21
C ILE C 45 4.96 -14.52 -15.73
N VAL C 46 4.45 -15.75 -15.62
CA VAL C 46 5.19 -16.93 -16.02
C VAL C 46 4.74 -17.63 -17.30
N SER C 47 5.57 -18.56 -17.79
CA SER C 47 5.27 -19.31 -19.01
C SER C 47 5.84 -20.72 -18.98
N THR C 48 5.14 -21.65 -19.63
CA THR C 48 5.55 -23.05 -19.70
C THR C 48 5.52 -23.65 -21.11
N ALA C 49 5.50 -22.79 -22.14
CA ALA C 49 5.46 -23.24 -23.55
C ALA C 49 4.04 -23.53 -23.99
N THR C 50 3.33 -24.30 -23.19
CA THR C 50 1.95 -24.62 -23.49
C THR C 50 1.11 -23.39 -23.15
N GLN C 51 1.43 -22.75 -22.03
CA GLN C 51 0.67 -21.59 -21.60
C GLN C 51 1.45 -20.53 -20.82
N THR C 52 0.78 -19.40 -20.62
CA THR C 52 1.30 -18.26 -19.87
C THR C 52 0.25 -17.98 -18.81
N PHE C 53 0.70 -17.60 -17.63
CA PHE C 53 -0.21 -17.30 -16.55
C PHE C 53 0.54 -16.48 -15.52
N LEU C 54 0.00 -16.37 -14.31
CA LEU C 54 0.64 -15.58 -13.27
C LEU C 54 0.95 -16.36 -12.00
N ALA C 55 1.92 -15.84 -11.25
CA ALA C 55 2.33 -16.41 -9.97
C ALA C 55 2.29 -15.20 -9.04
N THR C 56 2.04 -15.45 -7.76
CA THR C 56 1.96 -14.37 -6.76
C THR C 56 2.77 -14.79 -5.54
N CYS C 57 3.69 -13.93 -5.11
CA CYS C 57 4.51 -14.21 -3.95
C CYS C 57 3.75 -13.81 -2.71
N ILE C 58 3.56 -14.75 -1.79
CA ILE C 58 2.88 -14.49 -0.53
C ILE C 58 3.66 -15.23 0.54
N ASN C 59 3.94 -14.54 1.62
CA ASN C 59 4.69 -15.11 2.74
C ASN C 59 5.98 -15.77 2.29
N GLY C 60 6.70 -15.09 1.40
CA GLY C 60 7.97 -15.61 0.92
C GLY C 60 7.92 -16.78 -0.05
N VAL C 61 6.71 -17.16 -0.48
CA VAL C 61 6.58 -18.27 -1.42
C VAL C 61 5.93 -17.72 -2.69
N CYS C 62 6.38 -18.21 -3.84
CA CYS C 62 5.85 -17.80 -5.15
C CYS C 62 4.78 -18.83 -5.49
N TRP C 63 3.53 -18.45 -5.29
CA TRP C 63 2.41 -19.36 -5.54
C TRP C 63 1.78 -19.19 -6.91
N THR C 64 1.31 -20.31 -7.47
CA THR C 64 0.61 -20.29 -8.74
C THR C 64 -0.31 -21.51 -8.78
N VAL C 65 -1.05 -21.65 -9.88
CA VAL C 65 -2.00 -22.74 -10.03
C VAL C 65 -1.39 -24.00 -10.63
N TYR C 66 -1.70 -25.15 -10.02
CA TYR C 66 -1.22 -26.45 -10.48
C TYR C 66 -1.61 -26.73 -11.93
N HIS C 67 -2.73 -26.17 -12.41
CA HIS C 67 -3.14 -26.40 -13.79
C HIS C 67 -2.32 -25.63 -14.83
N GLY C 68 -1.30 -24.92 -14.37
CA GLY C 68 -0.46 -24.16 -15.26
C GLY C 68 0.95 -24.68 -15.15
N ALA C 69 1.41 -24.81 -13.91
CA ALA C 69 2.77 -25.29 -13.64
C ALA C 69 2.84 -26.80 -13.44
N GLY C 70 1.81 -27.36 -12.82
CA GLY C 70 1.80 -28.78 -12.54
C GLY C 70 2.82 -28.99 -11.45
N THR C 71 3.83 -29.79 -11.73
CA THR C 71 4.90 -30.06 -10.77
C THR C 71 6.21 -29.54 -11.34
N ARG C 72 6.10 -28.72 -12.39
CA ARG C 72 7.28 -28.15 -13.03
C ARG C 72 8.13 -27.41 -12.04
N THR C 73 9.40 -27.30 -12.40
CA THR C 73 10.37 -26.62 -11.58
C THR C 73 10.45 -25.18 -12.12
N ILE C 74 10.90 -24.23 -11.32
CA ILE C 74 11.02 -22.85 -11.80
C ILE C 74 12.43 -22.49 -12.21
N ALA C 75 12.52 -21.68 -13.26
CA ALA C 75 13.79 -21.25 -13.80
C ALA C 75 14.51 -20.33 -12.84
N SER C 76 15.83 -20.44 -12.84
CA SER C 76 16.68 -19.62 -11.96
C SER C 76 18.07 -19.53 -12.58
N PRO C 77 18.77 -18.38 -12.39
CA PRO C 77 20.11 -18.20 -12.96
C PRO C 77 21.16 -19.19 -12.39
N LYS C 78 20.75 -19.98 -11.41
CA LYS C 78 21.60 -20.98 -10.80
C LYS C 78 21.02 -22.36 -11.08
N GLY C 79 20.14 -22.43 -12.08
CA GLY C 79 19.52 -23.68 -12.44
C GLY C 79 18.10 -23.74 -11.89
N PRO C 80 17.33 -24.74 -12.30
CA PRO C 80 15.94 -24.97 -11.90
C PRO C 80 15.75 -25.25 -10.40
N VAL C 81 14.73 -24.64 -9.80
CA VAL C 81 14.45 -24.85 -8.39
C VAL C 81 13.07 -25.49 -8.25
N ILE C 82 13.00 -26.53 -7.43
CA ILE C 82 11.76 -27.27 -7.26
C ILE C 82 10.71 -26.66 -6.34
N GLN C 83 9.47 -27.12 -6.49
CA GLN C 83 8.34 -26.61 -5.72
C GLN C 83 8.47 -26.94 -4.25
N MET C 84 8.22 -25.95 -3.41
CA MET C 84 8.27 -26.15 -1.96
C MET C 84 6.97 -26.80 -1.56
N TYR C 85 5.92 -26.45 -2.30
CA TYR C 85 4.59 -26.97 -2.04
C TYR C 85 3.94 -27.33 -3.36
N THR C 86 3.18 -28.43 -3.33
CA THR C 86 2.45 -28.92 -4.48
C THR C 86 1.19 -29.47 -3.84
N ASN C 87 0.04 -29.06 -4.35
CA ASN C 87 -1.23 -29.48 -3.81
C ASN C 87 -2.26 -29.51 -4.90
N VAL C 88 -2.38 -30.66 -5.55
CA VAL C 88 -3.32 -30.84 -6.66
C VAL C 88 -4.76 -30.70 -6.17
N ASP C 89 -4.99 -31.18 -4.95
CA ASP C 89 -6.31 -31.15 -4.33
C ASP C 89 -6.86 -29.74 -4.23
N GLN C 90 -5.98 -28.75 -4.07
CA GLN C 90 -6.42 -27.37 -3.97
C GLN C 90 -6.01 -26.52 -5.17
N ASP C 91 -5.41 -27.15 -6.18
CA ASP C 91 -4.94 -26.51 -7.42
C ASP C 91 -3.81 -25.51 -7.12
N LEU C 92 -3.05 -25.81 -6.08
CA LEU C 92 -1.97 -24.93 -5.59
C LEU C 92 -0.55 -25.50 -5.58
N VAL C 93 0.40 -24.76 -6.14
CA VAL C 93 1.82 -25.15 -6.13
C VAL C 93 2.59 -23.89 -5.76
N GLY C 94 3.75 -24.07 -5.11
CA GLY C 94 4.56 -22.93 -4.73
C GLY C 94 6.04 -23.21 -4.64
N TRP C 95 6.85 -22.26 -5.09
CA TRP C 95 8.31 -22.36 -5.04
C TRP C 95 8.81 -21.22 -4.17
N PRO C 96 10.10 -21.23 -3.81
CA PRO C 96 10.57 -20.10 -2.99
C PRO C 96 10.59 -18.87 -3.91
N ALA C 97 10.10 -17.74 -3.42
CA ALA C 97 10.03 -16.50 -4.20
C ALA C 97 11.31 -16.21 -4.95
N PRO C 98 11.22 -15.94 -6.26
CA PRO C 98 12.35 -15.65 -7.14
C PRO C 98 12.91 -14.26 -6.91
N GLN C 99 13.93 -13.90 -7.67
CA GLN C 99 14.55 -12.59 -7.55
C GLN C 99 13.68 -11.53 -8.22
N GLY C 100 13.84 -10.28 -7.80
CA GLY C 100 13.05 -9.19 -8.36
C GLY C 100 11.62 -9.19 -7.88
N SER C 101 11.34 -9.98 -6.84
CA SER C 101 10.01 -10.09 -6.28
C SER C 101 9.95 -9.61 -4.83
N ARG C 102 8.73 -9.34 -4.37
CA ARG C 102 8.50 -8.92 -3.00
C ARG C 102 7.18 -9.53 -2.63
N SER C 103 7.13 -10.11 -1.44
CA SER C 103 5.95 -10.77 -0.93
C SER C 103 4.79 -9.87 -0.52
N LEU C 104 3.59 -10.39 -0.75
CA LEU C 104 2.34 -9.72 -0.46
C LEU C 104 1.82 -10.21 0.89
N THR C 105 1.09 -9.34 1.58
CA THR C 105 0.57 -9.65 2.90
C THR C 105 -0.85 -10.18 2.85
N PRO C 106 -1.12 -11.28 3.55
CA PRO C 106 -2.48 -11.82 3.55
C PRO C 106 -3.47 -10.80 4.14
N CYS C 107 -4.75 -10.92 3.80
CA CYS C 107 -5.75 -10.00 4.32
C CYS C 107 -6.18 -10.32 5.75
N THR C 108 -6.44 -9.27 6.53
CA THR C 108 -6.86 -9.40 7.92
C THR C 108 -8.08 -8.52 8.25
N CYS C 109 -8.82 -8.09 7.22
CA CYS C 109 -9.98 -7.24 7.42
C CYS C 109 -11.30 -7.88 7.03
N GLY C 110 -11.25 -9.11 6.56
CA GLY C 110 -12.45 -9.81 6.14
C GLY C 110 -13.27 -9.12 5.06
N SER C 111 -12.73 -8.07 4.43
CA SER C 111 -13.47 -7.35 3.40
C SER C 111 -13.91 -8.26 2.25
N SER C 112 -15.10 -7.98 1.74
CA SER C 112 -15.69 -8.74 0.65
C SER C 112 -15.69 -7.98 -0.64
N ASP C 113 -15.10 -6.78 -0.63
CA ASP C 113 -15.00 -5.99 -1.86
C ASP C 113 -13.58 -6.21 -2.36
N LEU C 114 -13.41 -7.30 -3.10
CA LEU C 114 -12.12 -7.69 -3.67
C LEU C 114 -11.77 -6.97 -4.97
N TYR C 115 -10.53 -7.15 -5.41
CA TYR C 115 -10.02 -6.56 -6.65
C TYR C 115 -9.04 -7.56 -7.28
N LEU C 116 -9.31 -7.95 -8.52
CA LEU C 116 -8.50 -8.91 -9.23
C LEU C 116 -7.54 -8.18 -10.15
N VAL C 117 -6.26 -8.57 -10.12
CA VAL C 117 -5.25 -7.94 -10.99
C VAL C 117 -4.97 -8.92 -12.11
N THR C 118 -5.13 -8.49 -13.35
CA THR C 118 -4.88 -9.36 -14.50
C THR C 118 -3.41 -9.30 -14.91
N ARG C 119 -3.03 -10.15 -15.85
CA ARG C 119 -1.66 -10.21 -16.34
C ARG C 119 -1.30 -8.92 -17.09
N HIS C 120 -2.29 -8.09 -17.36
CA HIS C 120 -2.04 -6.84 -18.07
C HIS C 120 -2.02 -5.68 -17.10
N ALA C 121 -2.03 -5.98 -15.81
CA ALA C 121 -2.04 -5.00 -14.72
C ALA C 121 -3.38 -4.29 -14.58
N ASP C 122 -4.44 -4.88 -15.13
CA ASP C 122 -5.78 -4.31 -15.05
C ASP C 122 -6.33 -4.75 -13.71
N VAL C 123 -7.11 -3.88 -13.07
CA VAL C 123 -7.73 -4.22 -11.78
C VAL C 123 -9.24 -4.38 -12.06
N ILE C 124 -9.76 -5.56 -11.76
CA ILE C 124 -11.15 -5.91 -11.96
C ILE C 124 -11.80 -6.06 -10.60
N PRO C 125 -12.65 -5.10 -10.19
CA PRO C 125 -13.28 -5.25 -8.87
C PRO C 125 -14.28 -6.43 -8.87
N VAL C 126 -14.19 -7.23 -7.81
CA VAL C 126 -15.00 -8.44 -7.62
C VAL C 126 -15.68 -8.43 -6.25
N ARG C 127 -16.90 -8.93 -6.19
CA ARG C 127 -17.66 -8.99 -4.95
C ARG C 127 -17.61 -10.42 -4.44
N ARG C 128 -17.10 -10.59 -3.23
CA ARG C 128 -16.98 -11.92 -2.67
C ARG C 128 -18.31 -12.53 -2.28
N ARG C 129 -18.63 -13.64 -2.92
CA ARG C 129 -19.85 -14.35 -2.63
C ARG C 129 -19.55 -15.42 -1.58
N GLY C 130 -18.27 -15.69 -1.32
CA GLY C 130 -17.92 -16.67 -0.31
C GLY C 130 -16.72 -17.53 -0.61
N ASP C 131 -15.96 -17.84 0.44
CA ASP C 131 -14.77 -18.67 0.41
C ASP C 131 -13.88 -18.72 -0.81
N SER C 132 -14.41 -19.24 -1.92
CA SER C 132 -13.65 -19.37 -3.13
C SER C 132 -14.35 -18.84 -4.37
N ARG C 133 -15.37 -18.01 -4.19
CA ARG C 133 -16.12 -17.48 -5.31
C ARG C 133 -16.44 -16.00 -5.10
N GLY C 134 -16.40 -15.26 -6.19
CA GLY C 134 -16.69 -13.83 -6.14
C GLY C 134 -17.24 -13.45 -7.51
N SER C 135 -18.09 -12.44 -7.56
CA SER C 135 -18.67 -12.02 -8.83
C SER C 135 -18.11 -10.68 -9.29
N LEU C 136 -17.68 -10.59 -10.55
CA LEU C 136 -17.14 -9.33 -11.06
C LEU C 136 -18.24 -8.29 -10.91
N LEU C 137 -17.88 -7.02 -10.80
CA LEU C 137 -18.91 -6.00 -10.72
C LEU C 137 -19.40 -5.71 -12.14
N SER C 138 -18.57 -6.03 -13.11
CA SER C 138 -18.90 -5.83 -14.51
C SER C 138 -18.30 -7.00 -15.27
N PRO C 139 -19.16 -7.92 -15.73
CA PRO C 139 -18.69 -9.09 -16.48
C PRO C 139 -17.88 -8.67 -17.70
N ARG C 140 -16.93 -9.50 -18.07
CA ARG C 140 -16.06 -9.20 -19.19
C ARG C 140 -15.77 -10.46 -19.98
N PRO C 141 -15.49 -10.32 -21.28
CA PRO C 141 -15.20 -11.48 -22.12
C PRO C 141 -14.06 -12.28 -21.50
N ILE C 142 -14.23 -13.59 -21.45
CA ILE C 142 -13.21 -14.45 -20.86
C ILE C 142 -11.77 -14.10 -21.28
N SER C 143 -11.62 -13.58 -22.49
CA SER C 143 -10.29 -13.21 -22.99
C SER C 143 -9.61 -12.23 -22.05
N TYR C 144 -10.38 -11.26 -21.56
CA TYR C 144 -9.87 -10.24 -20.65
C TYR C 144 -9.28 -10.82 -19.38
N LEU C 145 -9.66 -12.04 -19.04
CA LEU C 145 -9.15 -12.70 -17.85
C LEU C 145 -8.23 -13.87 -18.20
N LYS C 146 -7.89 -14.02 -19.48
CA LYS C 146 -7.02 -15.12 -19.89
C LYS C 146 -5.58 -14.82 -19.52
N GLY C 147 -4.87 -15.86 -19.10
CA GLY C 147 -3.47 -15.74 -18.73
C GLY C 147 -3.26 -15.13 -17.36
N SER C 148 -4.34 -14.81 -16.68
CA SER C 148 -4.29 -14.17 -15.38
C SER C 148 -4.46 -15.13 -14.22
N SER C 149 -4.67 -16.40 -14.52
CA SER C 149 -4.84 -17.39 -13.49
C SER C 149 -3.53 -17.49 -12.69
N GLY C 150 -3.63 -17.41 -11.37
CA GLY C 150 -2.45 -17.47 -10.53
C GLY C 150 -2.24 -16.12 -9.86
N GLY C 151 -2.75 -15.07 -10.50
CA GLY C 151 -2.67 -13.72 -9.98
C GLY C 151 -3.37 -13.56 -8.65
N PRO C 152 -3.29 -12.39 -8.01
CA PRO C 152 -3.93 -12.17 -6.71
C PRO C 152 -5.34 -11.55 -6.69
N LEU C 153 -6.05 -11.83 -5.60
CA LEU C 153 -7.38 -11.27 -5.34
C LEU C 153 -7.08 -10.40 -4.13
N LEU C 154 -7.04 -9.10 -4.36
CA LEU C 154 -6.71 -8.10 -3.35
C LEU C 154 -7.91 -7.47 -2.67
N CYS C 155 -7.76 -7.09 -1.39
CA CYS C 155 -8.84 -6.43 -0.66
C CYS C 155 -8.55 -4.91 -0.75
N PRO C 156 -9.42 -4.05 -0.17
CA PRO C 156 -9.16 -2.59 -0.26
C PRO C 156 -7.81 -2.07 0.30
N ALA C 157 -7.08 -2.90 1.04
CA ALA C 157 -5.79 -2.53 1.60
C ALA C 157 -4.66 -3.09 0.73
N GLY C 158 -5.04 -3.68 -0.40
CA GLY C 158 -4.08 -4.26 -1.32
C GLY C 158 -3.50 -5.56 -0.83
N HIS C 159 -4.04 -6.10 0.25
CA HIS C 159 -3.57 -7.36 0.81
C HIS C 159 -4.15 -8.55 0.05
N ALA C 160 -3.44 -9.66 0.08
CA ALA C 160 -3.84 -10.89 -0.57
C ALA C 160 -5.02 -11.54 0.13
N VAL C 161 -6.11 -11.72 -0.61
CA VAL C 161 -7.32 -12.35 -0.10
C VAL C 161 -7.31 -13.80 -0.61
N GLY C 162 -6.91 -13.97 -1.86
CA GLY C 162 -6.87 -15.30 -2.45
C GLY C 162 -6.11 -15.24 -3.74
N LEU C 163 -6.00 -16.38 -4.42
CA LEU C 163 -5.29 -16.50 -5.68
C LEU C 163 -6.33 -16.83 -6.76
N PHE C 164 -6.39 -16.04 -7.82
CA PHE C 164 -7.34 -16.27 -8.92
C PHE C 164 -7.13 -17.67 -9.48
N ARG C 165 -8.11 -18.55 -9.28
CA ARG C 165 -8.02 -19.93 -9.72
C ARG C 165 -8.61 -20.24 -11.09
N ALA C 166 -9.82 -19.75 -11.35
CA ALA C 166 -10.50 -20.00 -12.63
C ALA C 166 -11.64 -19.03 -12.88
N ALA C 167 -11.92 -18.75 -14.14
CA ALA C 167 -13.00 -17.84 -14.46
C ALA C 167 -14.30 -18.61 -14.70
N VAL C 168 -15.38 -18.13 -14.07
CA VAL C 168 -16.71 -18.72 -14.21
C VAL C 168 -17.47 -17.90 -15.27
N CYS C 169 -17.53 -18.41 -16.50
CA CYS C 169 -18.17 -17.67 -17.57
C CYS C 169 -19.36 -18.26 -18.33
N THR C 170 -20.43 -17.47 -18.38
CA THR C 170 -21.65 -17.84 -19.06
C THR C 170 -21.59 -17.34 -20.50
N ARG C 171 -21.21 -18.24 -21.41
CA ARG C 171 -21.16 -17.91 -22.84
C ARG C 171 -20.07 -16.93 -23.27
N GLY C 172 -18.83 -17.21 -22.88
CA GLY C 172 -17.71 -16.35 -23.26
C GLY C 172 -17.63 -15.04 -22.49
N VAL C 173 -18.53 -14.87 -21.53
CA VAL C 173 -18.54 -13.69 -20.72
C VAL C 173 -18.30 -14.12 -19.30
N ALA C 174 -17.13 -13.78 -18.78
CA ALA C 174 -16.77 -14.12 -17.42
C ALA C 174 -17.57 -13.17 -16.53
N LYS C 175 -18.32 -13.71 -15.58
CA LYS C 175 -19.13 -12.88 -14.69
C LYS C 175 -18.68 -13.11 -13.26
N ALA C 176 -17.94 -14.18 -13.05
CA ALA C 176 -17.45 -14.49 -11.72
C ALA C 176 -16.14 -15.25 -11.84
N VAL C 177 -15.50 -15.47 -10.70
CA VAL C 177 -14.23 -16.17 -10.68
C VAL C 177 -14.03 -17.03 -9.42
N ASP C 178 -13.44 -18.19 -9.63
CA ASP C 178 -13.12 -19.10 -8.55
C ASP C 178 -11.75 -18.64 -8.06
N PHE C 179 -11.47 -18.83 -6.77
CA PHE C 179 -10.18 -18.44 -6.25
C PHE C 179 -9.77 -19.29 -5.06
N ILE C 180 -8.47 -19.35 -4.82
CA ILE C 180 -7.90 -20.11 -3.72
C ILE C 180 -7.73 -19.14 -2.54
N PRO C 181 -8.60 -19.23 -1.52
CA PRO C 181 -8.41 -18.29 -0.40
C PRO C 181 -7.00 -18.35 0.18
N VAL C 182 -6.51 -17.22 0.66
CA VAL C 182 -5.17 -17.13 1.21
C VAL C 182 -4.90 -18.09 2.37
N GLU C 183 -5.96 -18.53 3.05
CA GLU C 183 -5.83 -19.46 4.17
C GLU C 183 -5.27 -20.80 3.72
N ASN C 184 -5.69 -21.25 2.53
CA ASN C 184 -5.21 -22.51 1.98
C ASN C 184 -3.72 -22.47 1.87
N LEU C 185 -3.21 -21.34 1.41
CA LEU C 185 -1.77 -21.14 1.26
C LEU C 185 -1.10 -21.21 2.63
N GLU C 186 -1.71 -20.57 3.62
CA GLU C 186 -1.19 -20.55 4.98
C GLU C 186 -1.26 -21.94 5.59
N THR C 187 -2.30 -22.67 5.22
CA THR C 187 -2.52 -24.03 5.71
C THR C 187 -1.59 -25.00 4.97
N THR C 188 -1.21 -24.63 3.75
CA THR C 188 -0.33 -25.46 2.93
C THR C 188 1.14 -25.29 3.34
N MET C 189 1.43 -24.20 4.04
CA MET C 189 2.79 -23.92 4.51
C MET C 189 3.12 -24.65 5.80
N GLY D 3 9.62 -29.68 -18.80
CA GLY D 3 9.99 -28.27 -19.03
C GLY D 3 10.15 -27.55 -17.71
N SER D 4 10.14 -26.22 -17.74
CA SER D 4 10.30 -25.42 -16.54
C SER D 4 9.56 -24.10 -16.71
N VAL D 5 9.12 -23.53 -15.60
CA VAL D 5 8.38 -22.29 -15.62
C VAL D 5 9.39 -21.14 -15.59
N VAL D 6 9.33 -20.30 -16.61
CA VAL D 6 10.22 -19.14 -16.71
C VAL D 6 9.41 -17.88 -16.43
N ILE D 7 10.07 -16.90 -15.84
CA ILE D 7 9.43 -15.64 -15.51
C ILE D 7 9.66 -14.70 -16.69
N VAL D 8 8.57 -14.26 -17.30
CA VAL D 8 8.67 -13.39 -18.47
C VAL D 8 8.43 -11.90 -18.20
N GLY D 9 7.90 -11.58 -17.04
CA GLY D 9 7.64 -10.19 -16.72
C GLY D 9 7.34 -10.10 -15.24
N ARG D 10 7.10 -8.89 -14.75
CA ARG D 10 6.81 -8.66 -13.34
C ARG D 10 5.83 -7.50 -13.22
N ILE D 11 4.95 -7.56 -12.22
CA ILE D 11 3.96 -6.52 -11.97
C ILE D 11 4.15 -5.95 -10.57
N VAL D 12 4.29 -4.62 -10.48
CA VAL D 12 4.42 -3.91 -9.20
C VAL D 12 3.04 -3.31 -8.88
N LEU D 13 2.42 -3.82 -7.82
CA LEU D 13 1.07 -3.37 -7.46
C LEU D 13 0.95 -1.90 -7.05
N SER D 14 2.01 -1.33 -6.48
CA SER D 14 1.99 0.06 -6.06
C SER D 14 2.24 0.97 -7.24
N GLY D 15 2.73 0.40 -8.33
CA GLY D 15 3.01 1.20 -9.49
C GLY D 15 4.33 1.94 -9.34
N LYS D 16 5.19 1.48 -8.43
CA LYS D 16 6.48 2.12 -8.21
C LYS D 16 7.33 2.21 -9.46
N PRO D 17 7.65 3.44 -9.88
CA PRO D 17 8.46 3.66 -11.08
C PRO D 17 9.91 3.30 -10.88
N ALA D 18 10.50 3.72 -9.78
CA ALA D 18 11.90 3.46 -9.53
C ALA D 18 12.38 3.87 -8.14
N ILE D 19 13.71 3.95 -8.04
CA ILE D 19 14.50 4.31 -6.86
C ILE D 19 14.24 3.55 -5.55
N ILE D 20 14.77 4.10 -4.46
CA ILE D 20 14.67 3.49 -3.15
C ILE D 20 13.70 4.18 -2.21
N PRO D 21 13.16 3.43 -1.23
CA PRO D 21 12.21 3.87 -0.21
C PRO D 21 12.93 4.58 0.95
#